data_5DXK
#
_entry.id   5DXK
#
_cell.length_a   54.637
_cell.length_b   82.538
_cell.length_c   58.636
_cell.angle_alpha   90.000
_cell.angle_beta   111.050
_cell.angle_gamma   90.000
#
_symmetry.space_group_name_H-M   'P 1 21 1'
#
loop_
_entity.id
_entity.type
_entity.pdbx_description
1 polymer 'Estrogen receptor'
2 polymer 'Nuclear receptor coactivator 2'
3 non-polymer "4,4'-[(9s)-bicyclo[3.3.1]non-9-ylmethanediyl]diphenol"
4 water water
#
loop_
_entity_poly.entity_id
_entity_poly.type
_entity_poly.pdbx_seq_one_letter_code
_entity_poly.pdbx_strand_id
1 'polypeptide(L)'
;IKRSKKNSLALSLTADQMVSALLDAEPPILYSEYDPTRPFSEASMMGLLTNLADRELVHMINWAKRVPGFVDLTLHDQVH
LLECAWLEILMIGLVWRSMEHPGKLLFAPNLLLDRNQGKCVEGMVEIFDMLLATSSRFRMMNLQGEEFVCLKSIILLNSG
VYTFLSSTLKSLEEKDHIHRVLDKITDTLIHLMAKAGLTLQQQHQRLAQLLLILSHIRHMSNKGMEHLYSMKCKNVVPLS
DLLLEMLDAHRLHAPTS
;
A,B
2 'polypeptide(L)' KHKILHRLLQDSSS C,D
#
loop_
_chem_comp.id
_chem_comp.type
_chem_comp.name
_chem_comp.formula
5J1 non-polymer 4,4'-[(9s)-bicyclo[3.3.1]non-9-ylmethanediyl]diphenol 'C22 H26 O2'
#
# COMPACT_ATOMS: atom_id res chain seq x y z
N SER A 8 -0.13 -11.73 -26.43
CA SER A 8 -1.04 -12.44 -25.54
C SER A 8 -2.43 -12.59 -26.16
N LEU A 9 -3.46 -12.48 -25.33
CA LEU A 9 -4.84 -12.67 -25.78
C LEU A 9 -5.86 -11.98 -24.88
N ALA A 10 -5.39 -11.44 -23.76
CA ALA A 10 -6.27 -10.76 -22.81
C ALA A 10 -6.51 -9.31 -23.19
N LEU A 11 -5.65 -8.79 -24.05
CA LEU A 11 -5.72 -7.39 -24.46
C LEU A 11 -6.76 -7.19 -25.56
N SER A 12 -7.30 -8.29 -26.07
CA SER A 12 -8.28 -8.23 -27.15
C SER A 12 -9.70 -8.20 -26.62
N LEU A 13 -9.89 -8.68 -25.40
CA LEU A 13 -11.21 -8.75 -24.78
C LEU A 13 -11.85 -7.39 -24.63
N THR A 14 -13.18 -7.33 -24.74
CA THR A 14 -13.90 -6.12 -24.44
C THR A 14 -14.03 -5.98 -22.93
N ALA A 15 -14.54 -4.84 -22.48
CA ALA A 15 -14.72 -4.58 -21.06
C ALA A 15 -15.72 -5.55 -20.45
N ASP A 16 -16.80 -5.83 -21.19
CA ASP A 16 -17.82 -6.76 -20.73
C ASP A 16 -17.29 -8.18 -20.70
N GLN A 17 -16.49 -8.53 -21.71
CA GLN A 17 -15.88 -9.86 -21.77
C GLN A 17 -14.87 -10.04 -20.65
N MET A 18 -14.25 -8.94 -20.24
CA MET A 18 -13.30 -8.96 -19.13
C MET A 18 -14.01 -9.22 -17.80
N VAL A 19 -15.15 -8.55 -17.62
CA VAL A 19 -15.95 -8.72 -16.41
C VAL A 19 -16.48 -10.15 -16.29
N SER A 20 -17.06 -10.64 -17.38
CA SER A 20 -17.64 -11.97 -17.40
C SER A 20 -16.58 -13.05 -17.15
N ALA A 21 -15.38 -12.80 -17.64
CA ALA A 21 -14.27 -13.74 -17.44
C ALA A 21 -13.85 -13.79 -15.99
N LEU A 22 -13.72 -12.61 -15.38
CA LEU A 22 -13.31 -12.52 -13.98
C LEU A 22 -14.38 -13.07 -13.03
N LEU A 23 -15.64 -12.77 -13.32
CA LEU A 23 -16.75 -13.26 -12.51
C LEU A 23 -16.81 -14.78 -12.53
N ASP A 24 -16.61 -15.36 -13.72
CA ASP A 24 -16.67 -16.81 -13.89
C ASP A 24 -15.49 -17.50 -13.23
N ALA A 25 -14.40 -16.76 -13.01
CA ALA A 25 -13.19 -17.32 -12.44
C ALA A 25 -13.20 -17.30 -10.91
N GLU A 26 -14.24 -16.70 -10.34
CA GLU A 26 -14.34 -16.54 -8.89
C GLU A 26 -14.25 -17.87 -8.13
N PRO A 27 -13.38 -17.93 -7.12
CA PRO A 27 -13.26 -19.11 -6.26
C PRO A 27 -14.49 -19.26 -5.38
N PRO A 28 -14.77 -20.48 -4.92
CA PRO A 28 -15.95 -20.71 -4.07
C PRO A 28 -15.76 -20.23 -2.64
N ILE A 29 -16.86 -20.14 -1.90
CA ILE A 29 -16.80 -19.79 -0.48
C ILE A 29 -16.64 -21.07 0.33
N LEU A 30 -15.46 -21.24 0.93
CA LEU A 30 -15.16 -22.46 1.68
C LEU A 30 -15.71 -22.38 3.10
N TYR A 31 -15.89 -23.56 3.71
CA TYR A 31 -16.38 -23.65 5.08
C TYR A 31 -15.27 -24.00 6.05
N SER A 32 -15.43 -23.56 7.27
CA SER A 32 -14.66 -24.02 8.39
C SER A 32 -15.16 -25.36 8.88
N GLU A 33 -14.35 -26.08 9.64
CA GLU A 33 -14.84 -27.27 10.32
C GLU A 33 -15.89 -26.99 11.36
N TYR A 34 -16.96 -27.78 11.36
CA TYR A 34 -18.13 -27.52 12.17
C TYR A 34 -17.84 -27.69 13.65
N ASP A 35 -18.68 -27.08 14.48
CA ASP A 35 -18.50 -26.98 15.93
C ASP A 35 -17.69 -25.78 16.34
N PRO A 36 -16.40 -25.99 16.56
CA PRO A 36 -15.99 -26.63 17.77
C PRO A 36 -16.15 -25.62 18.88
N THR A 37 -17.38 -25.32 19.24
CA THR A 37 -17.64 -25.13 20.66
C THR A 37 -17.10 -23.80 21.16
N ARG A 38 -17.34 -23.52 22.42
CA ARG A 38 -17.95 -22.26 22.81
C ARG A 38 -17.11 -21.12 22.33
N PRO A 39 -16.23 -20.59 23.17
CA PRO A 39 -15.25 -19.64 22.72
C PRO A 39 -14.02 -20.33 22.22
N PHE A 40 -13.21 -19.63 21.45
CA PHE A 40 -12.00 -20.25 20.97
C PHE A 40 -10.84 -19.85 21.87
N SER A 41 -9.85 -20.72 21.98
CA SER A 41 -8.58 -20.36 22.59
C SER A 41 -7.69 -19.83 21.48
N GLU A 42 -6.48 -19.39 21.83
CA GLU A 42 -5.55 -18.88 20.84
C GLU A 42 -5.20 -19.96 19.82
N ALA A 43 -4.86 -21.15 20.32
CA ALA A 43 -4.49 -22.27 19.47
C ALA A 43 -5.69 -22.77 18.68
N SER A 44 -6.85 -22.72 19.29
CA SER A 44 -8.10 -23.16 18.67
C SER A 44 -8.48 -22.28 17.49
N MET A 45 -8.51 -20.98 17.72
CA MET A 45 -8.88 -20.02 16.68
C MET A 45 -7.87 -20.01 15.53
N MET A 46 -6.58 -19.96 15.86
CA MET A 46 -5.55 -19.93 14.84
C MET A 46 -5.51 -21.25 14.08
N GLY A 47 -5.88 -22.33 14.74
CA GLY A 47 -5.99 -23.63 14.10
C GLY A 47 -7.03 -23.61 12.98
N LEU A 48 -8.22 -23.13 13.30
CA LEU A 48 -9.31 -23.03 12.32
C LEU A 48 -8.94 -22.12 11.16
N LEU A 49 -8.35 -20.97 11.48
CA LEU A 49 -8.00 -19.98 10.47
C LEU A 49 -6.91 -20.51 9.54
N THR A 50 -5.92 -21.17 10.11
CA THR A 50 -4.82 -21.74 9.33
C THR A 50 -5.34 -22.80 8.36
N ASN A 51 -6.20 -23.68 8.85
CA ASN A 51 -6.79 -24.72 8.02
C ASN A 51 -7.58 -24.13 6.86
N LEU A 52 -8.40 -23.13 7.16
CA LEU A 52 -9.19 -22.45 6.15
C LEU A 52 -8.31 -21.75 5.11
N ALA A 53 -7.34 -20.97 5.58
CA ALA A 53 -6.46 -20.21 4.71
C ALA A 53 -5.70 -21.11 3.75
N ASP A 54 -5.22 -22.24 4.26
CA ASP A 54 -4.48 -23.20 3.46
C ASP A 54 -5.34 -23.76 2.31
N ARG A 55 -6.61 -24.04 2.61
CA ARG A 55 -7.52 -24.57 1.61
C ARG A 55 -7.93 -23.49 0.60
N GLU A 56 -8.11 -22.26 1.08
CA GLU A 56 -8.40 -21.13 0.19
C GLU A 56 -7.25 -20.87 -0.77
N LEU A 57 -6.02 -21.10 -0.29
CA LEU A 57 -4.83 -20.89 -1.11
C LEU A 57 -4.82 -21.75 -2.36
N VAL A 58 -5.31 -22.97 -2.24
CA VAL A 58 -5.36 -23.90 -3.36
C VAL A 58 -6.29 -23.40 -4.45
N HIS A 59 -7.43 -22.83 -4.04
CA HIS A 59 -8.39 -22.30 -4.98
C HIS A 59 -7.92 -20.96 -5.59
N MET A 60 -7.17 -20.19 -4.81
CA MET A 60 -6.63 -18.92 -5.30
C MET A 60 -5.69 -19.12 -6.47
N ILE A 61 -4.83 -20.13 -6.34
CA ILE A 61 -3.87 -20.46 -7.37
C ILE A 61 -4.55 -20.86 -8.67
N ASN A 62 -5.64 -21.62 -8.56
CA ASN A 62 -6.41 -22.00 -9.74
C ASN A 62 -7.27 -20.85 -10.25
N TRP A 63 -7.57 -19.90 -9.36
CA TRP A 63 -8.27 -18.69 -9.78
C TRP A 63 -7.34 -17.78 -10.58
N ALA A 64 -6.10 -17.69 -10.12
CA ALA A 64 -5.10 -16.84 -10.77
C ALA A 64 -4.86 -17.25 -12.22
N LYS A 65 -4.83 -18.55 -12.47
CA LYS A 65 -4.61 -19.06 -13.81
C LYS A 65 -5.77 -18.73 -14.74
N ARG A 66 -6.93 -18.43 -14.15
CA ARG A 66 -8.11 -18.07 -14.92
C ARG A 66 -8.28 -16.55 -15.00
N VAL A 67 -7.28 -15.82 -14.50
CA VAL A 67 -7.22 -14.38 -14.69
C VAL A 67 -6.58 -14.06 -16.04
N PRO A 68 -7.32 -13.39 -16.93
CA PRO A 68 -6.89 -13.11 -18.30
C PRO A 68 -5.51 -12.45 -18.36
N GLY A 69 -4.57 -13.13 -19.01
CA GLY A 69 -3.21 -12.61 -19.17
C GLY A 69 -2.21 -13.21 -18.20
N PHE A 70 -2.71 -13.76 -17.10
CA PHE A 70 -1.84 -14.32 -16.07
C PHE A 70 -1.12 -15.58 -16.56
N VAL A 71 -1.80 -16.39 -17.36
CA VAL A 71 -1.21 -17.64 -17.83
C VAL A 71 -0.15 -17.38 -18.90
N ASP A 72 -0.21 -16.19 -19.51
CA ASP A 72 0.77 -15.80 -20.52
C ASP A 72 2.12 -15.49 -19.90
N LEU A 73 2.14 -15.36 -18.58
CA LEU A 73 3.36 -15.08 -17.84
C LEU A 73 4.18 -16.36 -17.65
N THR A 74 5.47 -16.21 -17.46
CA THR A 74 6.34 -17.35 -17.20
C THR A 74 6.04 -17.94 -15.82
N LEU A 75 6.51 -19.17 -15.59
CA LEU A 75 6.29 -19.87 -14.34
C LEU A 75 6.83 -19.06 -13.17
N HIS A 76 8.05 -18.55 -13.33
CA HIS A 76 8.72 -17.78 -12.29
C HIS A 76 7.94 -16.51 -11.93
N ASP A 77 7.44 -15.81 -12.95
CA ASP A 77 6.69 -14.57 -12.72
C ASP A 77 5.38 -14.83 -12.00
N GLN A 78 4.69 -15.90 -12.38
CA GLN A 78 3.43 -16.28 -11.73
C GLN A 78 3.68 -16.56 -10.26
N VAL A 79 4.76 -17.28 -9.97
CA VAL A 79 5.14 -17.61 -8.61
C VAL A 79 5.39 -16.34 -7.80
N HIS A 80 6.23 -15.47 -8.35
CA HIS A 80 6.60 -14.22 -7.69
C HIS A 80 5.38 -13.38 -7.32
N LEU A 81 4.43 -13.25 -8.26
CA LEU A 81 3.23 -12.46 -8.02
C LEU A 81 2.38 -13.05 -6.91
N LEU A 82 2.19 -14.36 -6.93
CA LEU A 82 1.35 -15.02 -5.93
C LEU A 82 2.01 -15.00 -4.55
N GLU A 83 3.32 -15.18 -4.51
CA GLU A 83 4.07 -15.12 -3.26
C GLU A 83 3.93 -13.74 -2.60
N CYS A 84 3.88 -12.70 -3.42
CA CYS A 84 3.80 -11.34 -2.92
C CYS A 84 2.40 -10.95 -2.46
N ALA A 85 1.39 -11.42 -3.18
CA ALA A 85 0.04 -10.90 -3.03
C ALA A 85 -0.94 -11.79 -2.27
N TRP A 86 -0.53 -13.01 -1.95
CA TRP A 86 -1.48 -14.03 -1.46
C TRP A 86 -2.28 -13.57 -0.23
N LEU A 87 -1.63 -12.89 0.71
CA LEU A 87 -2.34 -12.45 1.91
C LEU A 87 -3.27 -11.29 1.61
N GLU A 88 -2.82 -10.38 0.73
CA GLU A 88 -3.68 -9.29 0.26
C GLU A 88 -4.94 -9.83 -0.39
N ILE A 89 -4.77 -10.88 -1.19
CA ILE A 89 -5.88 -11.47 -1.92
C ILE A 89 -6.85 -12.17 -0.96
N LEU A 90 -6.31 -12.90 0.02
CA LEU A 90 -7.13 -13.50 1.06
C LEU A 90 -7.91 -12.43 1.83
N MET A 91 -7.24 -11.32 2.11
CA MET A 91 -7.83 -10.26 2.92
C MET A 91 -8.96 -9.53 2.19
N ILE A 92 -8.74 -9.15 0.94
CA ILE A 92 -9.76 -8.44 0.19
C ILE A 92 -10.96 -9.36 -0.05
N GLY A 93 -10.71 -10.67 -0.13
CA GLY A 93 -11.79 -11.63 -0.23
C GLY A 93 -12.61 -11.64 1.05
N LEU A 94 -11.92 -11.72 2.18
CA LEU A 94 -12.55 -11.69 3.50
C LEU A 94 -13.38 -10.41 3.70
N VAL A 95 -12.78 -9.28 3.35
CA VAL A 95 -13.46 -7.99 3.46
C VAL A 95 -14.70 -7.92 2.59
N TRP A 96 -14.59 -8.43 1.37
CA TRP A 96 -15.71 -8.48 0.44
C TRP A 96 -16.86 -9.33 0.99
N ARG A 97 -16.52 -10.47 1.58
CA ARG A 97 -17.52 -11.37 2.15
C ARG A 97 -18.23 -10.74 3.35
N SER A 98 -17.51 -9.91 4.08
CA SER A 98 -18.00 -9.35 5.34
C SER A 98 -18.82 -8.08 5.14
N MET A 99 -19.00 -7.68 3.89
CA MET A 99 -19.65 -6.41 3.58
C MET A 99 -21.09 -6.33 4.09
N GLU A 100 -21.84 -7.40 3.89
CA GLU A 100 -23.23 -7.43 4.35
C GLU A 100 -23.33 -7.80 5.83
N HIS A 101 -22.19 -7.87 6.50
CA HIS A 101 -22.15 -8.20 7.93
C HIS A 101 -21.34 -7.17 8.71
N PRO A 102 -21.91 -5.97 8.91
CA PRO A 102 -21.22 -4.86 9.59
C PRO A 102 -20.81 -5.21 11.01
N GLY A 103 -19.58 -4.88 11.38
CA GLY A 103 -19.06 -5.15 12.71
C GLY A 103 -18.59 -6.58 12.86
N LYS A 104 -18.64 -7.34 11.76
CA LYS A 104 -18.28 -8.74 11.79
C LYS A 104 -17.43 -9.14 10.58
N LEU A 105 -16.69 -10.23 10.71
CA LEU A 105 -15.84 -10.73 9.64
C LEU A 105 -16.21 -12.16 9.27
N LEU A 106 -16.67 -12.34 8.04
CA LEU A 106 -17.11 -13.65 7.56
C LEU A 106 -15.94 -14.45 7.00
N PHE A 107 -15.19 -15.12 7.86
CA PHE A 107 -14.12 -15.98 7.40
C PHE A 107 -14.72 -17.15 6.63
N ALA A 108 -15.88 -17.60 7.09
CA ALA A 108 -16.62 -18.68 6.46
C ALA A 108 -18.08 -18.57 6.89
N PRO A 109 -19.02 -19.10 6.08
CA PRO A 109 -20.45 -19.02 6.42
C PRO A 109 -20.77 -19.56 7.82
N ASN A 110 -19.96 -20.50 8.30
CA ASN A 110 -20.13 -21.02 9.66
C ASN A 110 -19.07 -20.47 10.60
N LEU A 111 -18.42 -19.38 10.20
CA LEU A 111 -17.40 -18.76 11.04
C LEU A 111 -17.42 -17.23 10.91
N LEU A 112 -18.39 -16.62 11.58
CA LEU A 112 -18.55 -15.17 11.57
C LEU A 112 -18.08 -14.59 12.91
N LEU A 113 -16.97 -13.87 12.88
CA LEU A 113 -16.36 -13.38 14.12
C LEU A 113 -16.50 -11.87 14.29
N ASP A 114 -16.57 -11.43 15.54
CA ASP A 114 -16.62 -10.00 15.84
C ASP A 114 -15.30 -9.54 16.45
N ARG A 115 -15.21 -8.25 16.75
CA ARG A 115 -13.97 -7.66 17.25
C ARG A 115 -13.50 -8.30 18.55
N ASN A 116 -14.43 -8.54 19.47
CA ASN A 116 -14.12 -9.15 20.76
C ASN A 116 -13.43 -10.51 20.62
N GLN A 117 -13.80 -11.24 19.58
CA GLN A 117 -13.23 -12.57 19.33
C GLN A 117 -11.82 -12.45 18.75
N GLY A 118 -11.46 -11.24 18.34
CA GLY A 118 -10.11 -10.96 17.88
C GLY A 118 -9.13 -10.91 19.03
N LYS A 119 -9.65 -10.77 20.24
CA LYS A 119 -8.82 -10.71 21.44
C LYS A 119 -8.31 -12.08 21.84
N CYS A 120 -8.90 -13.13 21.28
CA CYS A 120 -8.51 -14.50 21.61
C CYS A 120 -7.04 -14.76 21.27
N VAL A 121 -6.55 -14.07 20.26
CA VAL A 121 -5.15 -14.15 19.87
C VAL A 121 -4.48 -12.81 20.10
N GLU A 122 -3.25 -12.85 20.63
CA GLU A 122 -2.52 -11.64 20.98
C GLU A 122 -2.11 -10.84 19.75
N GLY A 123 -2.51 -9.57 19.72
CA GLY A 123 -2.15 -8.66 18.64
C GLY A 123 -2.93 -8.89 17.36
N MET A 124 -4.10 -9.53 17.48
CA MET A 124 -4.90 -9.84 16.31
C MET A 124 -6.05 -8.86 16.15
N VAL A 125 -6.44 -8.23 17.25
CA VAL A 125 -7.57 -7.32 17.25
C VAL A 125 -7.26 -6.06 16.44
N GLU A 126 -5.98 -5.71 16.36
CA GLU A 126 -5.55 -4.55 15.57
C GLU A 126 -5.75 -4.81 14.08
N ILE A 127 -5.50 -6.05 13.66
CA ILE A 127 -5.71 -6.45 12.28
C ILE A 127 -7.19 -6.57 11.99
N PHE A 128 -7.95 -7.08 12.96
CA PHE A 128 -9.40 -7.16 12.87
C PHE A 128 -10.00 -5.78 12.62
N ASP A 129 -9.55 -4.78 13.37
CA ASP A 129 -10.05 -3.42 13.24
C ASP A 129 -9.79 -2.85 11.84
N MET A 130 -8.57 -3.07 11.34
CA MET A 130 -8.21 -2.60 10.01
C MET A 130 -9.07 -3.28 8.94
N LEU A 131 -9.37 -4.55 9.14
CA LEU A 131 -10.20 -5.30 8.19
C LEU A 131 -11.65 -4.81 8.24
N LEU A 132 -12.18 -4.63 9.45
CA LEU A 132 -13.55 -4.15 9.62
C LEU A 132 -13.72 -2.76 9.03
N ALA A 133 -12.70 -1.92 9.19
CA ALA A 133 -12.73 -0.56 8.64
C ALA A 133 -12.79 -0.59 7.12
N THR A 134 -12.02 -1.50 6.52
CA THR A 134 -11.99 -1.66 5.08
C THR A 134 -13.35 -2.11 4.57
N SER A 135 -14.00 -2.98 5.34
CA SER A 135 -15.32 -3.49 4.98
C SER A 135 -16.37 -2.39 4.98
N SER A 136 -16.36 -1.55 6.02
CA SER A 136 -17.32 -0.47 6.12
C SER A 136 -17.07 0.58 5.03
N ARG A 137 -15.81 0.70 4.62
CA ARG A 137 -15.46 1.60 3.52
C ARG A 137 -16.04 1.11 2.20
N PHE A 138 -15.95 -0.20 1.97
CA PHE A 138 -16.55 -0.81 0.79
C PHE A 138 -18.06 -0.62 0.80
N ARG A 139 -18.67 -0.85 1.97
CA ARG A 139 -20.10 -0.68 2.14
C ARG A 139 -20.52 0.77 1.87
N MET A 140 -19.71 1.71 2.36
CA MET A 140 -19.94 3.13 2.15
C MET A 140 -19.95 3.47 0.65
N MET A 141 -18.95 2.98 -0.06
CA MET A 141 -18.82 3.26 -1.48
C MET A 141 -19.80 2.45 -2.30
N ASN A 142 -20.49 1.52 -1.64
CA ASN A 142 -21.41 0.60 -2.30
C ASN A 142 -20.68 -0.13 -3.42
N LEU A 143 -19.57 -0.77 -3.05
CA LEU A 143 -18.74 -1.52 -3.97
C LEU A 143 -19.51 -2.65 -4.67
N GLN A 144 -19.42 -2.70 -5.99
CA GLN A 144 -20.10 -3.73 -6.77
C GLN A 144 -19.19 -4.94 -6.97
N GLY A 145 -19.79 -6.11 -7.17
CA GLY A 145 -19.04 -7.34 -7.37
C GLY A 145 -18.12 -7.27 -8.56
N GLU A 146 -18.59 -6.63 -9.63
CA GLU A 146 -17.79 -6.46 -10.84
C GLU A 146 -16.57 -5.59 -10.58
N GLU A 147 -16.71 -4.63 -9.66
CA GLU A 147 -15.59 -3.78 -9.28
C GLU A 147 -14.62 -4.55 -8.40
N PHE A 148 -15.16 -5.36 -7.50
CA PHE A 148 -14.36 -6.16 -6.59
C PHE A 148 -13.41 -7.11 -7.33
N VAL A 149 -13.93 -7.82 -8.34
CA VAL A 149 -13.11 -8.78 -9.06
C VAL A 149 -12.02 -8.10 -9.87
N CYS A 150 -12.25 -6.85 -10.26
CA CYS A 150 -11.21 -6.07 -10.93
C CYS A 150 -10.10 -5.72 -9.95
N LEU A 151 -10.48 -5.23 -8.78
CA LEU A 151 -9.52 -4.85 -7.74
C LEU A 151 -8.65 -6.02 -7.31
N LYS A 152 -9.25 -7.19 -7.17
CA LYS A 152 -8.53 -8.36 -6.71
C LYS A 152 -7.50 -8.80 -7.75
N SER A 153 -7.88 -8.75 -9.03
CA SER A 153 -6.96 -9.04 -10.12
C SER A 153 -5.82 -8.01 -10.17
N ILE A 154 -6.15 -6.75 -9.93
CA ILE A 154 -5.16 -5.68 -9.94
C ILE A 154 -4.10 -5.94 -8.88
N ILE A 155 -4.53 -6.33 -7.68
CA ILE A 155 -3.62 -6.67 -6.60
C ILE A 155 -2.64 -7.77 -7.02
N LEU A 156 -3.18 -8.82 -7.64
CA LEU A 156 -2.39 -9.95 -8.09
C LEU A 156 -1.29 -9.55 -9.07
N LEU A 157 -1.61 -8.64 -9.97
CA LEU A 157 -0.68 -8.24 -11.03
C LEU A 157 0.26 -7.11 -10.60
N ASN A 158 -0.17 -6.30 -9.65
CA ASN A 158 0.56 -5.08 -9.30
C ASN A 158 1.50 -5.21 -8.10
N SER A 159 1.06 -5.95 -7.08
CA SER A 159 1.76 -5.97 -5.80
C SER A 159 3.24 -6.31 -5.91
N GLY A 160 3.58 -7.27 -6.77
CA GLY A 160 4.96 -7.68 -6.93
C GLY A 160 5.60 -7.27 -8.26
N VAL A 161 4.91 -6.43 -9.02
CA VAL A 161 5.42 -6.03 -10.34
C VAL A 161 6.63 -5.12 -10.23
N TYR A 162 6.81 -4.44 -9.12
CA TYR A 162 7.93 -3.53 -8.95
C TYR A 162 9.06 -4.23 -8.27
N THR A 163 8.96 -5.55 -8.19
CA THR A 163 9.88 -6.36 -7.44
C THR A 163 10.61 -7.29 -8.37
N PHE A 164 10.49 -7.00 -9.67
CA PHE A 164 11.20 -7.72 -10.72
C PHE A 164 12.52 -7.04 -11.06
N LYS A 175 7.52 -7.22 -17.76
CA LYS A 175 6.74 -6.25 -16.98
C LYS A 175 5.86 -5.40 -17.89
N ASP A 176 6.23 -5.32 -19.16
CA ASP A 176 5.48 -4.54 -20.14
C ASP A 176 4.09 -5.14 -20.36
N HIS A 177 4.02 -6.46 -20.46
CA HIS A 177 2.75 -7.15 -20.65
C HIS A 177 1.85 -6.99 -19.44
N ILE A 178 2.43 -7.11 -18.25
CA ILE A 178 1.69 -7.00 -17.01
C ILE A 178 1.02 -5.64 -16.87
N HIS A 179 1.78 -4.57 -17.15
CA HIS A 179 1.23 -3.22 -17.07
C HIS A 179 0.17 -2.99 -18.14
N ARG A 180 0.32 -3.67 -19.28
CA ARG A 180 -0.69 -3.58 -20.34
C ARG A 180 -2.01 -4.19 -19.87
N VAL A 181 -1.92 -5.26 -19.09
CA VAL A 181 -3.12 -5.90 -18.53
C VAL A 181 -3.74 -5.01 -17.46
N LEU A 182 -2.89 -4.36 -16.67
CA LEU A 182 -3.35 -3.44 -15.63
C LEU A 182 -4.14 -2.29 -16.23
N ASP A 183 -3.62 -1.74 -17.33
CA ASP A 183 -4.33 -0.69 -18.05
C ASP A 183 -5.66 -1.20 -18.58
N LYS A 184 -5.69 -2.47 -18.97
CA LYS A 184 -6.90 -3.08 -19.52
C LYS A 184 -7.98 -3.17 -18.46
N ILE A 185 -7.58 -3.49 -17.23
CA ILE A 185 -8.52 -3.57 -16.11
C ILE A 185 -9.00 -2.17 -15.72
N THR A 186 -8.12 -1.18 -15.84
CA THR A 186 -8.49 0.21 -15.60
C THR A 186 -9.59 0.63 -16.57
N ASP A 187 -9.42 0.28 -17.84
CA ASP A 187 -10.45 0.54 -18.85
C ASP A 187 -11.76 -0.12 -18.44
N THR A 188 -11.66 -1.30 -17.85
CA THR A 188 -12.84 -2.08 -17.46
C THR A 188 -13.57 -1.43 -16.28
N LEU A 189 -12.81 -0.96 -15.30
CA LEU A 189 -13.36 -0.25 -14.16
C LEU A 189 -14.15 0.98 -14.59
N ILE A 190 -13.51 1.83 -15.38
CA ILE A 190 -14.14 3.03 -15.92
C ILE A 190 -15.40 2.69 -16.72
N HIS A 191 -15.33 1.60 -17.49
CA HIS A 191 -16.49 1.13 -18.25
C HIS A 191 -17.69 0.87 -17.36
N LEU A 192 -17.46 0.14 -16.27
CA LEU A 192 -18.52 -0.18 -15.31
C LEU A 192 -19.17 1.08 -14.75
N MET A 193 -18.33 2.04 -14.35
CA MET A 193 -18.81 3.30 -13.78
C MET A 193 -19.58 4.12 -14.81
N ALA A 194 -19.12 4.09 -16.05
CA ALA A 194 -19.80 4.78 -17.13
C ALA A 194 -21.17 4.16 -17.39
N LYS A 195 -21.27 2.85 -17.14
CA LYS A 195 -22.53 2.15 -17.33
C LYS A 195 -23.50 2.45 -16.18
N ALA A 196 -22.94 2.66 -14.99
CA ALA A 196 -23.74 2.95 -13.80
C ALA A 196 -24.37 4.35 -13.87
N GLY A 197 -23.91 5.17 -14.80
CA GLY A 197 -24.47 6.49 -15.01
C GLY A 197 -23.65 7.61 -14.40
N LEU A 198 -22.45 7.28 -13.93
CA LEU A 198 -21.56 8.27 -13.35
C LEU A 198 -20.98 9.20 -14.42
N THR A 199 -20.90 10.48 -14.10
CA THR A 199 -20.30 11.45 -15.01
C THR A 199 -18.80 11.24 -15.10
N LEU A 200 -18.16 11.90 -16.06
CA LEU A 200 -16.71 11.78 -16.25
C LEU A 200 -15.95 12.09 -14.98
N GLN A 201 -16.33 13.17 -14.30
CA GLN A 201 -15.67 13.58 -13.07
C GLN A 201 -15.88 12.56 -11.96
N GLN A 202 -17.11 12.06 -11.84
CA GLN A 202 -17.43 11.04 -10.86
C GLN A 202 -16.68 9.75 -11.13
N GLN A 203 -16.30 9.55 -12.39
CA GLN A 203 -15.58 8.34 -12.80
C GLN A 203 -14.13 8.32 -12.32
N HIS A 204 -13.38 9.41 -12.52
CA HIS A 204 -11.99 9.49 -12.08
CA HIS A 204 -11.99 9.37 -12.07
C HIS A 204 -11.92 9.48 -10.55
N GLN A 205 -12.91 10.11 -9.93
CA GLN A 205 -12.94 10.24 -8.47
C GLN A 205 -13.19 8.89 -7.80
N ARG A 206 -14.09 8.10 -8.35
CA ARG A 206 -14.37 6.77 -7.79
C ARG A 206 -13.20 5.83 -8.06
N LEU A 207 -12.67 5.88 -9.28
CA LEU A 207 -11.51 5.08 -9.64
C LEU A 207 -10.36 5.33 -8.68
N ALA A 208 -10.09 6.60 -8.39
CA ALA A 208 -9.07 6.99 -7.45
C ALA A 208 -9.37 6.45 -6.05
N GLN A 209 -10.61 6.64 -5.61
CA GLN A 209 -11.05 6.17 -4.30
C GLN A 209 -10.85 4.68 -4.14
N LEU A 210 -11.13 3.92 -5.19
CA LEU A 210 -10.98 2.47 -5.17
C LEU A 210 -9.52 2.07 -5.02
N LEU A 211 -8.67 2.62 -5.87
CA LEU A 211 -7.26 2.24 -5.91
C LEU A 211 -6.49 2.66 -4.67
N LEU A 212 -6.95 3.71 -3.99
CA LEU A 212 -6.29 4.17 -2.78
C LEU A 212 -6.47 3.17 -1.64
N ILE A 213 -7.57 2.43 -1.67
CA ILE A 213 -7.84 1.43 -0.63
C ILE A 213 -6.81 0.30 -0.71
N LEU A 214 -6.29 0.05 -1.91
CA LEU A 214 -5.27 -0.97 -2.11
C LEU A 214 -4.01 -0.71 -1.29
N SER A 215 -3.73 0.57 -1.04
CA SER A 215 -2.60 0.95 -0.21
C SER A 215 -2.80 0.50 1.24
N HIS A 216 -4.04 0.57 1.71
CA HIS A 216 -4.37 0.12 3.05
C HIS A 216 -4.36 -1.41 3.13
N ILE A 217 -4.85 -2.05 2.08
CA ILE A 217 -4.85 -3.51 2.01
C ILE A 217 -3.43 -4.05 2.06
N ARG A 218 -2.52 -3.37 1.37
CA ARG A 218 -1.10 -3.70 1.44
C ARG A 218 -0.57 -3.55 2.86
N HIS A 219 -1.04 -2.50 3.55
CA HIS A 219 -0.61 -2.23 4.92
C HIS A 219 -1.06 -3.34 5.85
N MET A 220 -2.31 -3.77 5.71
CA MET A 220 -2.86 -4.85 6.52
C MET A 220 -2.10 -6.15 6.32
N SER A 221 -1.77 -6.44 5.06
CA SER A 221 -1.06 -7.66 4.71
C SER A 221 0.29 -7.77 5.42
N ASN A 222 1.04 -6.67 5.42
CA ASN A 222 2.34 -6.64 6.08
C ASN A 222 2.20 -6.76 7.59
N LYS A 223 1.16 -6.16 8.15
CA LYS A 223 0.86 -6.33 9.57
C LYS A 223 0.47 -7.77 9.86
N GLY A 224 -0.27 -8.37 8.94
CA GLY A 224 -0.72 -9.75 9.10
C GLY A 224 0.41 -10.74 8.91
N MET A 225 1.32 -10.42 7.99
CA MET A 225 2.46 -11.29 7.68
C MET A 225 3.37 -11.43 8.90
N GLU A 226 3.62 -10.31 9.59
CA GLU A 226 4.43 -10.33 10.79
C GLU A 226 3.74 -11.08 11.92
N HIS A 227 2.41 -11.04 11.92
CA HIS A 227 1.62 -11.77 12.91
C HIS A 227 1.79 -13.28 12.72
N LEU A 228 1.69 -13.72 11.47
CA LEU A 228 1.83 -15.14 11.14
C LEU A 228 3.25 -15.61 11.43
N TYR A 229 4.22 -14.75 11.13
CA TYR A 229 5.61 -15.04 11.43
C TYR A 229 5.80 -15.12 12.94
N SER A 230 5.08 -14.29 13.68
CA SER A 230 5.13 -14.33 15.14
C SER A 230 4.54 -15.64 15.65
N MET A 231 3.53 -16.14 14.96
CA MET A 231 2.88 -17.39 15.35
C MET A 231 3.78 -18.58 15.10
N LYS A 232 4.51 -18.54 13.99
CA LYS A 232 5.47 -19.58 13.68
C LYS A 232 6.55 -19.67 14.75
N CYS A 233 7.12 -18.52 15.11
CA CYS A 233 8.17 -18.45 16.12
C CYS A 233 7.69 -18.97 17.46
N LYS A 234 6.49 -18.53 17.85
CA LYS A 234 5.93 -18.91 19.15
C LYS A 234 5.28 -20.29 19.10
N ASN A 235 5.27 -20.89 17.90
CA ASN A 235 4.68 -22.22 17.67
C ASN A 235 3.30 -22.37 18.31
N VAL A 236 2.43 -21.40 18.06
CA VAL A 236 1.07 -21.44 18.56
C VAL A 236 0.33 -22.60 17.91
N VAL A 237 0.47 -22.72 16.59
CA VAL A 237 -0.12 -23.82 15.84
C VAL A 237 0.78 -24.13 14.64
N PRO A 238 0.97 -25.43 14.34
CA PRO A 238 1.79 -25.81 13.19
C PRO A 238 1.23 -25.30 11.87
N LEU A 239 2.06 -24.61 11.10
CA LEU A 239 1.66 -24.12 9.78
C LEU A 239 1.83 -25.21 8.73
N SER A 240 0.97 -25.20 7.72
CA SER A 240 1.09 -26.14 6.61
C SER A 240 2.35 -25.81 5.81
N ASP A 241 2.84 -26.80 5.06
CA ASP A 241 4.04 -26.63 4.25
C ASP A 241 3.86 -25.52 3.21
N LEU A 242 2.68 -25.46 2.60
CA LEU A 242 2.39 -24.43 1.60
C LEU A 242 2.40 -23.04 2.22
N LEU A 243 1.72 -22.88 3.35
CA LEU A 243 1.66 -21.61 4.05
C LEU A 243 3.06 -21.13 4.45
N LEU A 244 3.89 -22.06 4.92
CA LEU A 244 5.26 -21.73 5.29
C LEU A 244 6.05 -21.23 4.08
N GLU A 245 5.86 -21.87 2.93
CA GLU A 245 6.56 -21.46 1.72
C GLU A 245 6.11 -20.08 1.25
N MET A 246 4.81 -19.80 1.36
CA MET A 246 4.28 -18.48 1.02
C MET A 246 4.78 -17.45 2.03
N LEU A 247 4.87 -17.87 3.29
CA LEU A 247 5.31 -17.00 4.37
C LEU A 247 6.81 -16.72 4.27
N ASP A 248 7.60 -17.75 3.96
CA ASP A 248 9.05 -17.61 3.86
C ASP A 248 9.48 -16.70 2.72
N ALA A 249 8.60 -16.53 1.74
CA ALA A 249 8.89 -15.71 0.58
C ALA A 249 9.01 -14.22 0.94
N HIS A 250 8.47 -13.85 2.10
CA HIS A 250 8.53 -12.47 2.56
C HIS A 250 9.68 -12.26 3.55
N ARG A 251 10.71 -13.11 3.43
CA ARG A 251 11.90 -13.04 4.28
C ARG A 251 11.54 -13.13 5.77
N SER B 8 -15.13 26.00 3.02
CA SER B 8 -13.75 25.69 3.37
C SER B 8 -12.77 26.30 2.37
N LEU B 9 -11.51 26.41 2.76
CA LEU B 9 -10.48 27.04 1.95
C LEU B 9 -10.15 26.22 0.70
N ALA B 10 -9.72 24.99 0.92
CA ALA B 10 -9.25 24.11 -0.17
C ALA B 10 -10.39 23.69 -1.09
N LEU B 11 -11.63 23.87 -0.65
CA LEU B 11 -12.79 23.48 -1.44
C LEU B 11 -12.95 24.37 -2.66
N SER B 12 -12.74 25.67 -2.48
CA SER B 12 -12.87 26.64 -3.56
C SER B 12 -11.51 26.95 -4.17
N LEU B 13 -10.92 25.97 -4.84
CA LEU B 13 -9.59 26.12 -5.40
C LEU B 13 -9.51 25.48 -6.78
N THR B 14 -9.15 26.27 -7.78
CA THR B 14 -9.02 25.75 -9.13
C THR B 14 -7.83 24.79 -9.20
N ALA B 15 -7.76 24.03 -10.30
CA ALA B 15 -6.73 23.01 -10.46
C ALA B 15 -5.33 23.63 -10.51
N ASP B 16 -5.18 24.73 -11.25
CA ASP B 16 -3.90 25.41 -11.36
C ASP B 16 -3.49 26.06 -10.04
N GLN B 17 -4.48 26.50 -9.29
CA GLN B 17 -4.22 27.10 -7.98
C GLN B 17 -3.84 26.03 -6.96
N MET B 18 -4.43 24.85 -7.11
CA MET B 18 -4.07 23.71 -6.26
C MET B 18 -2.61 23.35 -6.46
N VAL B 19 -2.20 23.25 -7.72
CA VAL B 19 -0.81 22.96 -8.07
C VAL B 19 0.12 24.05 -7.55
N SER B 20 -0.28 25.31 -7.75
CA SER B 20 0.51 26.45 -7.31
C SER B 20 0.78 26.42 -5.81
N ALA B 21 -0.25 26.11 -5.04
CA ALA B 21 -0.13 26.05 -3.59
C ALA B 21 0.82 24.94 -3.15
N LEU B 22 0.69 23.78 -3.79
CA LEU B 22 1.53 22.63 -3.45
C LEU B 22 2.99 22.86 -3.84
N LEU B 23 3.21 23.45 -5.00
CA LEU B 23 4.57 23.73 -5.46
C LEU B 23 5.29 24.70 -4.53
N ASP B 24 4.57 25.74 -4.10
CA ASP B 24 5.15 26.75 -3.22
C ASP B 24 5.36 26.23 -1.81
N ALA B 25 4.67 25.15 -1.47
CA ALA B 25 4.73 24.60 -0.11
C ALA B 25 5.89 23.61 0.03
N GLU B 26 6.54 23.30 -1.09
CA GLU B 26 7.61 22.31 -1.12
C GLU B 26 8.74 22.65 -0.15
N PRO B 27 9.16 21.66 0.65
CA PRO B 27 10.28 21.81 1.58
C PRO B 27 11.60 21.89 0.81
N PRO B 28 12.66 22.39 1.45
CA PRO B 28 13.95 22.44 0.76
C PRO B 28 14.61 21.07 0.70
N ILE B 29 15.69 20.96 -0.07
CA ILE B 29 16.50 19.75 -0.08
C ILE B 29 17.67 19.93 0.85
N LEU B 30 17.71 19.13 1.91
CA LEU B 30 18.72 19.29 2.96
C LEU B 30 20.02 18.59 2.62
N TYR B 31 21.09 19.01 3.28
CA TYR B 31 22.41 18.40 3.12
C TYR B 31 22.71 17.50 4.32
N SER B 32 23.63 16.56 4.14
CA SER B 32 24.08 15.72 5.24
C SER B 32 25.46 16.18 5.71
N GLU B 33 25.92 15.62 6.83
CA GLU B 33 27.24 15.93 7.34
C GLU B 33 28.27 14.94 6.79
N TYR B 34 28.02 14.45 5.58
CA TYR B 34 28.87 13.44 4.96
C TYR B 34 30.26 13.96 4.61
N ASP B 35 31.28 13.21 5.03
CA ASP B 35 32.65 13.50 4.65
C ASP B 35 33.16 12.41 3.71
N PRO B 36 33.25 12.73 2.41
CA PRO B 36 33.58 11.76 1.36
C PRO B 36 34.99 11.17 1.46
N THR B 37 35.79 11.66 2.40
CA THR B 37 37.15 11.16 2.56
C THR B 37 37.21 10.00 3.56
N ARG B 38 36.22 9.10 3.49
N ARG B 38 36.21 9.11 3.52
CA ARG B 38 36.15 7.94 4.36
CA ARG B 38 36.19 7.92 4.37
C ARG B 38 35.15 6.92 3.84
C ARG B 38 35.14 6.94 3.91
N PRO B 39 35.41 5.63 4.10
CA PRO B 39 34.40 4.59 3.85
C PRO B 39 33.37 4.59 4.98
N PHE B 40 32.31 3.79 4.85
CA PHE B 40 31.29 3.75 5.89
C PHE B 40 31.46 2.57 6.81
N SER B 41 30.71 2.59 7.92
CA SER B 41 30.54 1.40 8.74
C SER B 41 29.11 0.93 8.55
N GLU B 42 28.46 0.54 9.64
CA GLU B 42 27.03 0.29 9.61
C GLU B 42 26.32 1.36 10.43
N ALA B 43 27.00 1.81 11.49
CA ALA B 43 26.42 2.74 12.45
C ALA B 43 26.51 4.19 11.98
N SER B 44 27.65 4.57 11.43
CA SER B 44 27.90 5.95 11.02
C SER B 44 27.00 6.37 9.86
N MET B 45 26.73 5.46 8.94
CA MET B 45 25.84 5.76 7.84
C MET B 45 24.40 5.93 8.33
N MET B 46 23.97 5.01 9.18
CA MET B 46 22.64 5.12 9.78
C MET B 46 22.59 6.37 10.66
N GLY B 47 23.73 6.73 11.22
CA GLY B 47 23.85 7.97 11.97
C GLY B 47 23.67 9.16 11.04
N LEU B 48 24.29 9.07 9.86
CA LEU B 48 24.16 10.10 8.83
C LEU B 48 22.72 10.20 8.33
N LEU B 49 22.11 9.04 8.07
CA LEU B 49 20.76 8.99 7.53
C LEU B 49 19.71 9.38 8.58
N THR B 50 19.99 9.09 9.84
CA THR B 50 19.07 9.45 10.92
C THR B 50 19.09 10.95 11.15
N ASN B 51 20.30 11.51 11.22
CA ASN B 51 20.49 12.95 11.38
C ASN B 51 19.78 13.73 10.27
N LEU B 52 19.80 13.18 9.06
CA LEU B 52 19.14 13.81 7.92
C LEU B 52 17.62 13.68 7.99
N ALA B 53 17.14 12.47 8.28
CA ALA B 53 15.71 12.21 8.35
C ALA B 53 15.06 13.05 9.45
N ASP B 54 15.76 13.18 10.57
CA ASP B 54 15.24 13.94 11.71
C ASP B 54 15.05 15.42 11.36
N ARG B 55 16.01 16.00 10.63
CA ARG B 55 15.88 17.39 10.21
C ARG B 55 14.81 17.54 9.13
N GLU B 56 14.68 16.52 8.27
CA GLU B 56 13.65 16.54 7.23
C GLU B 56 12.25 16.51 7.83
N LEU B 57 12.09 15.78 8.93
CA LEU B 57 10.81 15.69 9.62
C LEU B 57 10.26 17.05 10.00
N VAL B 58 11.14 17.91 10.50
CA VAL B 58 10.73 19.25 10.94
C VAL B 58 10.14 20.03 9.76
N HIS B 59 10.78 19.95 8.60
CA HIS B 59 10.28 20.64 7.42
C HIS B 59 9.02 19.97 6.88
N MET B 60 8.93 18.65 7.00
CA MET B 60 7.74 17.93 6.54
C MET B 60 6.53 18.36 7.33
N ILE B 61 6.70 18.51 8.64
CA ILE B 61 5.62 18.87 9.54
C ILE B 61 5.08 20.27 9.21
N ASN B 62 5.99 21.20 8.92
CA ASN B 62 5.58 22.54 8.54
C ASN B 62 5.07 22.58 7.10
N TRP B 63 5.46 21.60 6.31
CA TRP B 63 4.95 21.47 4.94
C TRP B 63 3.50 20.99 4.94
N ALA B 64 3.19 20.07 5.85
CA ALA B 64 1.85 19.48 5.94
C ALA B 64 0.80 20.55 6.24
N LYS B 65 1.17 21.56 7.03
CA LYS B 65 0.28 22.65 7.36
C LYS B 65 -0.15 23.44 6.12
N ARG B 66 0.76 23.52 5.15
CA ARG B 66 0.51 24.29 3.94
C ARG B 66 -0.26 23.48 2.90
N VAL B 67 -0.40 22.18 3.15
CA VAL B 67 -1.21 21.33 2.28
C VAL B 67 -2.69 21.67 2.46
N PRO B 68 -3.33 22.13 1.38
CA PRO B 68 -4.72 22.61 1.38
C PRO B 68 -5.69 21.62 2.02
N GLY B 69 -6.32 22.03 3.12
CA GLY B 69 -7.30 21.21 3.81
C GLY B 69 -6.79 20.57 5.09
N PHE B 70 -5.47 20.49 5.23
CA PHE B 70 -4.86 19.83 6.38
C PHE B 70 -5.09 20.59 7.67
N VAL B 71 -4.99 21.92 7.61
CA VAL B 71 -5.15 22.76 8.80
C VAL B 71 -6.60 22.78 9.26
N ASP B 72 -7.52 22.44 8.37
CA ASP B 72 -8.95 22.38 8.72
C ASP B 72 -9.25 21.19 9.63
N LEU B 73 -8.28 20.28 9.73
CA LEU B 73 -8.44 19.08 10.54
C LEU B 73 -8.04 19.34 11.99
N THR B 74 -8.59 18.55 12.91
CA THR B 74 -8.26 18.69 14.31
C THR B 74 -6.80 18.34 14.56
N LEU B 75 -6.24 18.83 15.66
CA LEU B 75 -4.85 18.58 16.02
C LEU B 75 -4.61 17.07 16.15
N HIS B 76 -5.55 16.39 16.78
CA HIS B 76 -5.47 14.94 16.96
C HIS B 76 -5.35 14.21 15.64
N ASP B 77 -6.18 14.60 14.67
CA ASP B 77 -6.18 13.97 13.35
C ASP B 77 -4.91 14.28 12.56
N GLN B 78 -4.39 15.48 12.75
CA GLN B 78 -3.14 15.88 12.09
C GLN B 78 -1.98 15.00 12.57
N VAL B 79 -1.94 14.77 13.87
CA VAL B 79 -0.93 13.92 14.47
C VAL B 79 -0.99 12.51 13.90
N HIS B 80 -2.20 11.97 13.82
CA HIS B 80 -2.41 10.61 13.33
C HIS B 80 -1.95 10.43 11.88
N LEU B 81 -2.29 11.38 11.03
CA LEU B 81 -1.93 11.29 9.62
C LEU B 81 -0.42 11.33 9.42
N LEU B 82 0.27 12.18 10.18
CA LEU B 82 1.71 12.32 10.05
C LEU B 82 2.44 11.10 10.64
N GLU B 83 1.98 10.64 11.81
CA GLU B 83 2.55 9.45 12.44
C GLU B 83 2.46 8.24 11.52
N CYS B 84 1.44 8.23 10.68
CA CYS B 84 1.19 7.10 9.79
C CYS B 84 1.99 7.18 8.48
N ALA B 85 2.17 8.39 7.95
CA ALA B 85 2.70 8.53 6.60
C ALA B 85 4.10 9.12 6.50
N TRP B 86 4.73 9.43 7.65
CA TRP B 86 5.98 10.19 7.63
C TRP B 86 7.11 9.51 6.85
N LEU B 87 7.20 8.18 6.96
CA LEU B 87 8.25 7.46 6.24
C LEU B 87 7.91 7.35 4.76
N GLU B 88 6.62 7.18 4.45
CA GLU B 88 6.16 7.14 3.06
C GLU B 88 6.52 8.42 2.34
N ILE B 89 6.34 9.54 3.02
CA ILE B 89 6.62 10.86 2.45
C ILE B 89 8.11 11.10 2.32
N LEU B 90 8.88 10.68 3.31
CA LEU B 90 10.34 10.72 3.22
C LEU B 90 10.82 9.91 2.03
N MET B 91 10.23 8.74 1.84
CA MET B 91 10.65 7.83 0.78
C MET B 91 10.30 8.33 -0.61
N ILE B 92 9.09 8.84 -0.80
CA ILE B 92 8.69 9.31 -2.12
C ILE B 92 9.49 10.56 -2.49
N GLY B 93 9.88 11.34 -1.49
CA GLY B 93 10.73 12.49 -1.72
C GLY B 93 12.11 12.03 -2.18
N LEU B 94 12.63 11.01 -1.50
CA LEU B 94 13.91 10.41 -1.85
C LEU B 94 13.89 9.85 -3.27
N VAL B 95 12.82 9.14 -3.60
CA VAL B 95 12.66 8.56 -4.93
C VAL B 95 12.59 9.65 -5.99
N TRP B 96 11.89 10.74 -5.69
CA TRP B 96 11.76 11.86 -6.61
C TRP B 96 13.11 12.55 -6.87
N ARG B 97 13.90 12.72 -5.81
CA ARG B 97 15.22 13.35 -5.95
C ARG B 97 16.18 12.48 -6.75
N SER B 98 15.88 11.18 -6.82
CA SER B 98 16.80 10.22 -7.41
C SER B 98 16.42 9.85 -8.85
N MET B 99 15.42 10.53 -9.41
CA MET B 99 14.92 10.20 -10.73
C MET B 99 15.98 10.30 -11.82
N GLU B 100 16.73 11.40 -11.82
CA GLU B 100 17.72 11.65 -12.87
C GLU B 100 19.07 10.99 -12.55
N HIS B 101 19.11 10.16 -11.51
CA HIS B 101 20.34 9.46 -11.14
C HIS B 101 20.13 7.95 -11.10
N PRO B 102 20.07 7.31 -12.27
CA PRO B 102 19.79 5.88 -12.40
C PRO B 102 20.77 5.02 -11.60
N GLY B 103 20.23 4.07 -10.83
CA GLY B 103 21.05 3.17 -10.03
C GLY B 103 21.60 3.84 -8.78
N LYS B 104 21.12 5.05 -8.49
CA LYS B 104 21.60 5.79 -7.33
C LYS B 104 20.46 6.43 -6.56
N LEU B 105 20.65 6.55 -5.25
CA LEU B 105 19.68 7.19 -4.38
C LEU B 105 20.24 8.50 -3.85
N LEU B 106 19.57 9.60 -4.15
CA LEU B 106 20.03 10.92 -3.71
C LEU B 106 19.40 11.30 -2.39
N PHE B 107 20.01 10.87 -1.29
CA PHE B 107 19.54 11.23 0.05
C PHE B 107 19.76 12.72 0.27
N ALA B 108 20.85 13.21 -0.30
CA ALA B 108 21.23 14.62 -0.20
C ALA B 108 22.15 14.95 -1.38
N PRO B 109 22.19 16.23 -1.80
CA PRO B 109 23.02 16.62 -2.94
C PRO B 109 24.48 16.20 -2.79
N ASN B 110 24.95 16.11 -1.55
CA ASN B 110 26.30 15.64 -1.27
C ASN B 110 26.33 14.18 -0.84
N LEU B 111 25.17 13.53 -0.90
CA LEU B 111 25.07 12.12 -0.51
C LEU B 111 24.32 11.30 -1.55
N LEU B 112 25.04 10.78 -2.54
CA LEU B 112 24.45 9.99 -3.60
C LEU B 112 24.93 8.54 -3.51
N LEU B 113 24.05 7.66 -3.04
CA LEU B 113 24.43 6.26 -2.78
C LEU B 113 23.86 5.28 -3.80
N ASP B 114 24.65 4.25 -4.11
CA ASP B 114 24.20 3.17 -4.97
C ASP B 114 23.97 1.90 -4.14
N ARG B 115 23.51 0.85 -4.80
CA ARG B 115 23.09 -0.37 -4.12
C ARG B 115 24.19 -1.05 -3.30
N ASN B 116 25.44 -0.92 -3.76
CA ASN B 116 26.56 -1.61 -3.14
C ASN B 116 27.05 -0.96 -1.84
N GLN B 117 26.61 0.28 -1.61
CA GLN B 117 26.92 0.98 -0.37
C GLN B 117 25.84 0.73 0.66
N GLY B 118 24.66 0.33 0.19
CA GLY B 118 23.55 0.01 1.06
C GLY B 118 23.80 -1.27 1.84
N LYS B 119 24.75 -2.08 1.36
CA LYS B 119 25.08 -3.33 2.02
C LYS B 119 25.84 -3.12 3.33
N CYS B 120 26.44 -1.95 3.47
CA CYS B 120 27.22 -1.63 4.66
C CYS B 120 26.36 -1.70 5.93
N VAL B 121 25.05 -1.56 5.76
CA VAL B 121 24.10 -1.81 6.84
C VAL B 121 23.32 -3.09 6.55
N GLU B 122 23.25 -3.98 7.53
CA GLU B 122 22.63 -5.29 7.35
C GLU B 122 21.15 -5.22 6.96
N GLY B 123 20.81 -5.86 5.83
CA GLY B 123 19.44 -5.95 5.39
C GLY B 123 18.89 -4.69 4.76
N MET B 124 19.75 -3.69 4.60
CA MET B 124 19.31 -2.40 4.08
C MET B 124 19.24 -2.41 2.55
N VAL B 125 19.98 -3.33 1.94
CA VAL B 125 20.06 -3.40 0.48
C VAL B 125 18.73 -3.83 -0.13
N GLU B 126 17.88 -4.48 0.66
CA GLU B 126 16.56 -4.86 0.20
C GLU B 126 15.70 -3.62 -0.03
N ILE B 127 15.73 -2.70 0.94
CA ILE B 127 14.97 -1.47 0.82
C ILE B 127 15.53 -0.62 -0.32
N PHE B 128 16.85 -0.59 -0.45
CA PHE B 128 17.52 0.15 -1.51
C PHE B 128 17.02 -0.28 -2.90
N ASP B 129 16.91 -1.59 -3.11
CA ASP B 129 16.45 -2.13 -4.38
C ASP B 129 15.03 -1.67 -4.71
N MET B 130 14.16 -1.67 -3.72
CA MET B 130 12.78 -1.27 -3.93
C MET B 130 12.68 0.23 -4.21
N LEU B 131 13.47 1.02 -3.49
CA LEU B 131 13.52 2.46 -3.73
C LEU B 131 14.03 2.75 -5.13
N LEU B 132 15.09 2.06 -5.53
CA LEU B 132 15.69 2.23 -6.85
C LEU B 132 14.72 1.83 -7.96
N ALA B 133 14.00 0.73 -7.73
CA ALA B 133 13.02 0.25 -8.70
C ALA B 133 11.87 1.25 -8.83
N THR B 134 11.52 1.90 -7.73
CA THR B 134 10.47 2.92 -7.75
C THR B 134 10.94 4.13 -8.53
N SER B 135 12.22 4.47 -8.38
CA SER B 135 12.81 5.61 -9.07
C SER B 135 12.87 5.39 -10.58
N SER B 136 13.23 4.17 -10.97
CA SER B 136 13.29 3.83 -12.38
C SER B 136 11.88 3.76 -12.97
N ARG B 137 10.92 3.46 -12.11
CA ARG B 137 9.51 3.43 -12.53
C ARG B 137 9.02 4.85 -12.82
N PHE B 138 9.38 5.78 -11.94
CA PHE B 138 9.06 7.19 -12.15
C PHE B 138 9.70 7.72 -13.43
N ARG B 139 10.96 7.35 -13.66
CA ARG B 139 11.68 7.76 -14.86
C ARG B 139 11.03 7.17 -16.10
N MET B 140 10.59 5.93 -15.98
CA MET B 140 9.90 5.22 -17.07
C MET B 140 8.61 5.93 -17.46
N MET B 141 7.85 6.34 -16.45
CA MET B 141 6.57 7.03 -16.67
C MET B 141 6.77 8.50 -16.97
N ASN B 142 8.01 8.97 -16.81
CA ASN B 142 8.33 10.39 -16.96
C ASN B 142 7.45 11.23 -16.03
N LEU B 143 7.53 10.92 -14.74
CA LEU B 143 6.75 11.62 -13.73
C LEU B 143 7.09 13.11 -13.69
N GLN B 144 6.05 13.95 -13.68
CA GLN B 144 6.23 15.39 -13.67
C GLN B 144 6.20 15.94 -12.24
N GLY B 145 6.83 17.09 -12.04
CA GLY B 145 6.87 17.73 -10.73
C GLY B 145 5.50 18.07 -10.20
N GLU B 146 4.60 18.46 -11.10
CA GLU B 146 3.23 18.78 -10.72
C GLU B 146 2.49 17.51 -10.25
N GLU B 147 2.81 16.38 -10.87
CA GLU B 147 2.20 15.11 -10.51
C GLU B 147 2.73 14.60 -9.17
N PHE B 148 4.03 14.80 -8.96
CA PHE B 148 4.70 14.37 -7.73
C PHE B 148 4.10 15.00 -6.48
N VAL B 149 3.93 16.32 -6.49
CA VAL B 149 3.42 17.03 -5.33
C VAL B 149 1.97 16.65 -5.04
N CYS B 150 1.23 16.29 -6.08
CA CYS B 150 -0.13 15.79 -5.89
C CYS B 150 -0.10 14.43 -5.17
N LEU B 151 0.78 13.55 -5.62
CA LEU B 151 0.91 12.21 -5.04
C LEU B 151 1.35 12.26 -3.58
N LYS B 152 2.25 13.18 -3.27
CA LYS B 152 2.79 13.30 -1.92
C LYS B 152 1.73 13.80 -0.95
N SER B 153 0.85 14.67 -1.45
CA SER B 153 -0.25 15.19 -0.64
C SER B 153 -1.32 14.13 -0.43
N ILE B 154 -1.50 13.26 -1.43
CA ILE B 154 -2.45 12.16 -1.35
C ILE B 154 -2.04 11.20 -0.24
N ILE B 155 -0.75 10.87 -0.18
CA ILE B 155 -0.20 9.98 0.84
C ILE B 155 -0.47 10.50 2.24
N LEU B 156 -0.22 11.80 2.45
CA LEU B 156 -0.45 12.44 3.74
C LEU B 156 -1.89 12.28 4.22
N LEU B 157 -2.83 12.39 3.29
CA LEU B 157 -4.24 12.39 3.63
C LEU B 157 -4.86 10.99 3.61
N ASN B 158 -4.33 10.12 2.76
CA ASN B 158 -4.93 8.81 2.56
C ASN B 158 -4.40 7.71 3.47
N SER B 159 -3.11 7.75 3.77
CA SER B 159 -2.45 6.64 4.46
C SER B 159 -3.04 6.33 5.83
N GLY B 160 -3.51 7.36 6.53
CA GLY B 160 -4.05 7.16 7.87
C GLY B 160 -5.55 7.40 7.98
N VAL B 161 -6.21 7.65 6.85
CA VAL B 161 -7.64 7.97 6.87
C VAL B 161 -8.48 6.75 7.28
N TYR B 162 -7.93 5.56 7.12
CA TYR B 162 -8.69 4.36 7.38
C TYR B 162 -8.49 3.88 8.79
N THR B 163 -7.83 4.67 9.60
CA THR B 163 -7.44 4.21 10.91
C THR B 163 -8.08 5.11 11.92
N PHE B 164 -9.01 5.93 11.45
CA PHE B 164 -9.79 6.82 12.30
C PHE B 164 -10.95 6.06 12.95
N SER B 171 -18.96 14.63 14.63
CA SER B 171 -18.84 13.19 14.36
C SER B 171 -17.71 12.87 13.37
N LEU B 172 -17.36 11.59 13.27
CA LEU B 172 -16.28 11.15 12.39
C LEU B 172 -16.63 11.31 10.91
N GLU B 173 -16.75 12.56 10.47
CA GLU B 173 -16.66 12.90 9.06
C GLU B 173 -17.10 14.32 8.85
N GLU B 174 -16.17 15.18 8.45
CA GLU B 174 -14.78 15.12 8.90
C GLU B 174 -13.90 14.29 7.97
N LYS B 175 -13.87 12.99 8.19
CA LYS B 175 -13.73 12.00 7.14
C LYS B 175 -14.11 12.48 5.77
N ASP B 176 -15.34 12.94 5.64
CA ASP B 176 -15.85 13.22 4.32
C ASP B 176 -15.14 14.42 3.79
N HIS B 177 -14.65 15.26 4.66
CA HIS B 177 -13.88 16.43 4.26
C HIS B 177 -12.54 16.00 3.68
N ILE B 178 -11.91 15.02 4.32
CA ILE B 178 -10.63 14.51 3.84
C ILE B 178 -10.78 13.86 2.47
N HIS B 179 -11.83 13.08 2.30
CA HIS B 179 -12.10 12.45 1.00
C HIS B 179 -12.43 13.48 -0.06
N ARG B 180 -13.13 14.54 0.34
CA ARG B 180 -13.46 15.63 -0.58
C ARG B 180 -12.19 16.32 -1.08
N VAL B 181 -11.23 16.51 -0.17
CA VAL B 181 -9.94 17.08 -0.54
C VAL B 181 -9.18 16.11 -1.45
N LEU B 182 -9.26 14.83 -1.13
CA LEU B 182 -8.65 13.79 -1.96
C LEU B 182 -9.23 13.82 -3.37
N ASP B 183 -10.55 13.92 -3.47
CA ASP B 183 -11.22 14.02 -4.76
C ASP B 183 -10.79 15.28 -5.51
N LYS B 184 -10.49 16.34 -4.77
CA LYS B 184 -10.02 17.59 -5.37
C LYS B 184 -8.64 17.41 -5.98
N ILE B 185 -7.80 16.64 -5.32
CA ILE B 185 -6.46 16.36 -5.84
C ILE B 185 -6.55 15.44 -7.04
N THR B 186 -7.54 14.55 -7.04
CA THR B 186 -7.80 13.68 -8.19
C THR B 186 -8.17 14.49 -9.42
N ASP B 187 -9.05 15.47 -9.23
CA ASP B 187 -9.43 16.37 -10.33
C ASP B 187 -8.21 17.10 -10.87
N THR B 188 -7.30 17.45 -9.97
CA THR B 188 -6.11 18.20 -10.32
C THR B 188 -5.17 17.39 -11.21
N LEU B 189 -4.95 16.12 -10.84
CA LEU B 189 -4.12 15.24 -11.63
C LEU B 189 -4.68 15.05 -13.04
N ILE B 190 -5.98 14.80 -13.12
CA ILE B 190 -6.67 14.66 -14.40
C ILE B 190 -6.52 15.93 -15.23
N HIS B 191 -6.64 17.08 -14.56
CA HIS B 191 -6.48 18.38 -15.23
C HIS B 191 -5.09 18.53 -15.84
N LEU B 192 -4.08 18.09 -15.10
CA LEU B 192 -2.70 18.13 -15.57
C LEU B 192 -2.49 17.27 -16.81
N MET B 193 -2.99 16.04 -16.76
CA MET B 193 -2.83 15.10 -17.85
C MET B 193 -3.58 15.54 -19.09
N ALA B 194 -4.71 16.20 -18.90
CA ALA B 194 -5.49 16.72 -20.00
C ALA B 194 -4.70 17.78 -20.76
N LYS B 195 -3.90 18.54 -20.03
CA LYS B 195 -3.06 19.58 -20.62
C LYS B 195 -1.91 18.99 -21.43
N ALA B 196 -1.41 17.84 -20.99
CA ALA B 196 -0.27 17.20 -21.64
C ALA B 196 -0.66 16.51 -22.94
N GLY B 197 -1.95 16.60 -23.29
CA GLY B 197 -2.43 16.07 -24.56
C GLY B 197 -2.96 14.66 -24.49
N LEU B 198 -3.12 14.14 -23.28
CA LEU B 198 -3.61 12.77 -23.09
C LEU B 198 -5.10 12.66 -23.39
N THR B 199 -5.48 11.56 -24.03
CA THR B 199 -6.90 11.26 -24.26
C THR B 199 -7.56 10.84 -22.95
N LEU B 200 -8.88 10.74 -22.96
CA LEU B 200 -9.64 10.29 -21.79
C LEU B 200 -9.11 8.95 -21.29
N GLN B 201 -8.89 8.03 -22.22
CA GLN B 201 -8.40 6.70 -21.89
C GLN B 201 -7.01 6.77 -21.26
N GLN B 202 -6.15 7.62 -21.82
CA GLN B 202 -4.79 7.75 -21.34
C GLN B 202 -4.72 8.42 -19.97
N GLN B 203 -5.66 9.31 -19.69
CA GLN B 203 -5.69 9.99 -18.41
C GLN B 203 -6.06 9.04 -17.28
N HIS B 204 -7.10 8.24 -17.49
CA HIS B 204 -7.53 7.27 -16.49
C HIS B 204 -6.41 6.26 -16.23
N GLN B 205 -5.77 5.82 -17.32
CA GLN B 205 -4.71 4.84 -17.22
C GLN B 205 -3.53 5.38 -16.40
N ARG B 206 -3.07 6.56 -16.75
CA ARG B 206 -1.94 7.17 -16.05
C ARG B 206 -2.28 7.44 -14.59
N LEU B 207 -3.50 7.92 -14.34
CA LEU B 207 -3.98 8.13 -12.98
C LEU B 207 -3.89 6.84 -12.18
N ALA B 208 -4.36 5.74 -12.77
CA ALA B 208 -4.32 4.44 -12.12
C ALA B 208 -2.88 4.02 -11.85
N GLN B 209 -2.02 4.18 -12.86
CA GLN B 209 -0.62 3.78 -12.74
C GLN B 209 0.07 4.54 -11.61
N LEU B 210 -0.23 5.82 -11.47
CA LEU B 210 0.36 6.64 -10.42
C LEU B 210 -0.08 6.20 -9.03
N LEU B 211 -1.36 5.90 -8.89
CA LEU B 211 -1.92 5.55 -7.59
C LEU B 211 -1.53 4.14 -7.15
N LEU B 212 -1.21 3.28 -8.12
CA LEU B 212 -0.77 1.94 -7.81
C LEU B 212 0.66 1.96 -7.25
N ILE B 213 1.40 3.01 -7.57
CA ILE B 213 2.75 3.19 -7.03
C ILE B 213 2.70 3.34 -5.51
N LEU B 214 1.65 4.01 -5.04
CA LEU B 214 1.48 4.27 -3.61
C LEU B 214 1.35 2.98 -2.81
N SER B 215 0.90 1.93 -3.46
CA SER B 215 0.82 0.61 -2.84
C SER B 215 2.21 0.08 -2.52
N HIS B 216 3.13 0.24 -3.49
CA HIS B 216 4.50 -0.21 -3.30
C HIS B 216 5.24 0.70 -2.33
N ILE B 217 4.87 1.97 -2.33
CA ILE B 217 5.44 2.93 -1.40
C ILE B 217 5.05 2.57 0.04
N ARG B 218 3.79 2.22 0.24
CA ARG B 218 3.34 1.76 1.56
C ARG B 218 4.14 0.53 2.00
N HIS B 219 4.37 -0.38 1.05
CA HIS B 219 5.12 -1.60 1.31
C HIS B 219 6.54 -1.31 1.79
N MET B 220 7.25 -0.46 1.05
CA MET B 220 8.61 -0.08 1.40
C MET B 220 8.65 0.54 2.79
N SER B 221 7.63 1.35 3.09
CA SER B 221 7.54 2.03 4.38
C SER B 221 7.37 1.03 5.53
N ASN B 222 6.56 -0.01 5.29
CA ASN B 222 6.37 -1.05 6.29
C ASN B 222 7.67 -1.78 6.58
N LYS B 223 8.39 -2.14 5.52
CA LYS B 223 9.68 -2.82 5.64
C LYS B 223 10.70 -1.92 6.30
N GLY B 224 10.70 -0.64 5.91
CA GLY B 224 11.63 0.33 6.47
C GLY B 224 11.39 0.56 7.95
N MET B 225 10.12 0.58 8.34
CA MET B 225 9.73 0.79 9.73
C MET B 225 10.23 -0.34 10.61
N GLU B 226 10.12 -1.56 10.10
CA GLU B 226 10.64 -2.74 10.80
C GLU B 226 12.16 -2.67 10.91
N HIS B 227 12.80 -2.13 9.87
CA HIS B 227 14.25 -2.00 9.86
C HIS B 227 14.71 -1.01 10.93
N LEU B 228 13.98 0.08 11.09
CA LEU B 228 14.32 1.10 12.08
C LEU B 228 14.09 0.60 13.50
N TYR B 229 13.00 -0.15 13.69
CA TYR B 229 12.69 -0.73 15.00
C TYR B 229 13.79 -1.72 15.39
N SER B 230 14.29 -2.46 14.40
CA SER B 230 15.40 -3.38 14.62
C SER B 230 16.64 -2.61 15.05
N MET B 231 16.85 -1.45 14.44
CA MET B 231 17.99 -0.60 14.73
C MET B 231 17.94 -0.08 16.16
N LYS B 232 16.74 0.35 16.56
CA LYS B 232 16.52 0.91 17.90
C LYS B 232 16.86 -0.09 19.01
N CYS B 233 16.22 -1.25 18.98
CA CYS B 233 16.43 -2.28 20.00
C CYS B 233 17.87 -2.78 20.01
N LYS B 234 18.51 -2.74 18.84
CA LYS B 234 19.89 -3.19 18.68
C LYS B 234 20.86 -2.29 19.44
N ASN B 235 20.46 -1.07 19.68
CA ASN B 235 21.36 -0.06 20.18
C ASN B 235 22.69 -0.05 19.48
N VAL B 236 22.73 -0.58 18.28
CA VAL B 236 23.45 0.04 17.19
C VAL B 236 23.71 1.56 17.37
N VAL B 237 22.78 2.40 16.92
CA VAL B 237 23.01 3.83 16.93
C VAL B 237 21.78 4.57 17.35
N PRO B 238 21.95 5.67 18.05
CA PRO B 238 20.79 6.32 18.68
C PRO B 238 19.89 7.09 17.72
N LEU B 239 18.59 6.80 17.78
CA LEU B 239 17.59 7.57 17.06
C LEU B 239 17.33 8.89 17.77
N SER B 240 16.87 9.90 17.04
CA SER B 240 16.50 11.16 17.68
C SER B 240 15.19 10.99 18.44
N ASP B 241 14.90 11.93 19.32
CA ASP B 241 13.73 11.81 20.19
C ASP B 241 12.42 12.01 19.43
N LEU B 242 12.47 12.74 18.33
CA LEU B 242 11.29 12.88 17.48
C LEU B 242 11.10 11.63 16.64
N LEU B 243 12.21 11.10 16.14
CA LEU B 243 12.19 9.92 15.29
C LEU B 243 11.73 8.69 16.07
N LEU B 244 11.99 8.69 17.36
CA LEU B 244 11.56 7.62 18.25
C LEU B 244 10.04 7.64 18.44
N GLU B 245 9.49 8.84 18.62
CA GLU B 245 8.05 8.99 18.81
C GLU B 245 7.28 8.60 17.55
N MET B 246 7.81 8.97 16.39
CA MET B 246 7.19 8.61 15.12
C MET B 246 7.27 7.09 14.92
N LEU B 247 8.33 6.48 15.42
CA LEU B 247 8.54 5.05 15.30
C LEU B 247 7.62 4.27 16.23
N ASP B 248 7.51 4.73 17.47
CA ASP B 248 6.67 4.08 18.47
C ASP B 248 5.20 4.15 18.10
N ALA B 249 4.85 5.12 17.26
CA ALA B 249 3.47 5.31 16.85
C ALA B 249 2.96 4.15 15.98
N HIS B 250 3.90 3.40 15.41
CA HIS B 250 3.53 2.29 14.52
C HIS B 250 3.47 0.95 15.25
N ARG B 251 3.59 0.99 16.57
CA ARG B 251 3.36 -0.17 17.42
C ARG B 251 4.11 -1.43 16.97
N LEU B 252 5.40 -1.29 16.71
CA LEU B 252 6.20 -2.42 16.25
C LEU B 252 7.07 -2.97 17.37
N HIS C 2 12.90 -26.43 -4.55
CA HIS C 2 11.58 -27.04 -4.67
C HIS C 2 10.52 -26.15 -4.02
N LYS C 3 9.35 -26.11 -4.64
CA LYS C 3 8.21 -25.36 -4.14
C LYS C 3 6.89 -26.04 -4.48
N ILE C 4 5.99 -26.07 -3.50
CA ILE C 4 4.64 -26.62 -3.68
C ILE C 4 3.84 -25.78 -4.69
N LEU C 5 4.06 -24.47 -4.63
CA LEU C 5 3.41 -23.53 -5.52
C LEU C 5 3.68 -23.85 -6.99
N HIS C 6 4.87 -24.35 -7.27
CA HIS C 6 5.25 -24.75 -8.62
C HIS C 6 4.35 -25.87 -9.16
N ARG C 7 4.03 -26.82 -8.29
CA ARG C 7 3.19 -27.94 -8.68
C ARG C 7 1.76 -27.52 -8.93
N LEU C 8 1.20 -26.74 -8.00
CA LEU C 8 -0.19 -26.31 -8.06
C LEU C 8 -0.45 -25.43 -9.29
N LEU C 9 0.54 -24.64 -9.67
CA LEU C 9 0.44 -23.76 -10.84
C LEU C 9 0.47 -24.55 -12.15
N GLN C 10 1.24 -25.64 -12.16
CA GLN C 10 1.37 -26.46 -13.35
C GLN C 10 0.20 -27.43 -13.50
N ASP C 11 -0.36 -27.83 -12.37
CA ASP C 11 -1.50 -28.75 -12.35
C ASP C 11 -2.81 -28.01 -12.50
N LYS D 3 3.90 14.91 23.24
CA LYS D 3 4.45 14.59 21.93
C LYS D 3 5.20 15.78 21.32
N ILE D 4 6.37 15.50 20.74
CA ILE D 4 7.12 16.52 20.04
C ILE D 4 6.35 16.93 18.79
N LEU D 5 5.67 15.96 18.19
CA LEU D 5 4.85 16.20 17.02
C LEU D 5 3.73 17.19 17.33
N HIS D 6 3.15 17.08 18.52
CA HIS D 6 2.17 18.03 19.01
C HIS D 6 2.73 19.45 18.96
N ARG D 7 3.82 19.66 19.69
CA ARG D 7 4.44 20.97 19.82
C ARG D 7 4.83 21.58 18.48
N LEU D 8 5.39 20.77 17.58
CA LEU D 8 5.79 21.24 16.27
C LEU D 8 4.59 21.60 15.41
N LEU D 9 3.48 20.88 15.62
CA LEU D 9 2.26 21.15 14.87
C LEU D 9 1.51 22.36 15.42
N GLN D 10 1.84 22.76 16.64
CA GLN D 10 1.18 23.87 17.30
C GLN D 10 1.61 25.23 16.72
N ASP D 11 2.89 25.56 16.89
CA ASP D 11 3.40 26.86 16.45
C ASP D 11 3.84 26.85 14.99
C01 5J1 E . -3.40 -12.95 9.33
C02 5J1 E . -4.04 -11.61 8.96
C03 5J1 E . -5.51 -11.70 8.52
C04 5J1 E . -6.33 -12.90 9.05
C05 5J1 E . -6.94 -12.70 10.46
C06 5J1 E . -5.93 -12.65 11.61
C07 5J1 E . -4.78 -13.66 11.44
C08 5J1 E . -4.35 -13.98 9.99
C09 5J1 E . -5.53 -14.19 9.03
C10 5J1 E . -5.60 -15.22 8.11
C11 5J1 E . -4.78 -16.30 8.25
C12 5J1 E . -6.63 -15.37 7.20
C13 5J1 E . -7.38 -16.49 7.18
C14 5J1 E . -8.39 -16.68 6.31
C15 5J1 E . -8.69 -15.76 5.39
C16 5J1 E . -7.96 -14.65 5.38
C17 5J1 E . -6.96 -14.47 6.25
C18 5J1 E . -3.77 -16.54 7.38
C19 5J1 E . -2.94 -17.60 7.51
C20 5J1 E . -3.08 -18.48 8.52
C21 5J1 E . -4.07 -18.26 9.40
C22 5J1 E . -4.89 -17.20 9.26
O01 5J1 E . -2.26 -19.55 8.66
O02 5J1 E . -9.71 -15.95 4.50
C01 5J1 F . 17.04 4.03 3.47
C02 5J1 F . 17.41 2.78 4.28
C03 5J1 F . 17.17 2.95 5.79
C04 5J1 F . 16.04 3.90 6.21
C05 5J1 F . 14.63 3.27 6.21
C06 5J1 F . 14.04 2.99 4.82
C07 5J1 F . 14.44 4.01 3.74
C08 5J1 F . 15.78 4.78 3.95
C09 5J1 F . 15.98 5.20 5.40
C10 5J1 F . 15.76 6.44 5.95
C11 5J1 F . 15.59 7.59 5.22
C12 5J1 F . 15.95 6.63 7.29
C13 5J1 F . 14.91 6.90 8.11
C14 5J1 F . 15.05 7.08 9.42
C15 5J1 F . 16.26 7.01 10.01
C16 5J1 F . 17.31 6.74 9.21
C17 5J1 F . 17.15 6.56 7.90
C18 5J1 F . 16.45 8.63 5.36
C19 5J1 F . 16.32 9.78 4.67
C20 5J1 F . 15.32 9.98 3.81
C21 5J1 F . 14.45 8.98 3.67
C22 5J1 F . 14.57 7.82 4.36
O01 5J1 F . 15.18 11.14 3.12
O02 5J1 F . 16.44 7.20 11.35
#